data_4LTB
#
_entry.id   4LTB
#
_cell.length_a   57.669
_cell.length_b   83.158
_cell.length_c   92.851
_cell.angle_alpha   90.00
_cell.angle_beta   90.00
_cell.angle_gamma   90.00
#
_symmetry.space_group_name_H-M   'P 21 21 21'
#
loop_
_entity.id
_entity.type
_entity.pdbx_description
1 polymer 'Tripartite motif-containing 25 variant'
2 water water
#
_entity_poly.entity_id   1
_entity_poly.type   'polypeptide(L)'
_entity_poly.pdbx_seq_one_letter_code
;ASLSQASADLEATLRHKLTVMYSQINGASRALDDVRNRQQDVRMTANRKVEQLQQEYTEMKALLDASETTSTRKIKEEEK
RVNSKFDTIYQILLKKKSEIQTLKEEIEQSLTKRDEFEFLEKASKLRGISTKPVYIPEVELNHKLIKGIHQSTIDLKNEL
KQCIGRLQELTPSSGDPGEHDPASTHKSTRP
;
_entity_poly.pdbx_strand_id   A,B
#
# COMPACT_ATOMS: atom_id res chain seq x y z
N SER A 2 69.87 -19.62 51.89
CA SER A 2 69.87 -18.36 52.63
C SER A 2 68.63 -17.51 52.33
N LEU A 3 68.49 -16.39 53.06
CA LEU A 3 67.40 -15.46 52.81
C LEU A 3 67.56 -14.71 51.49
N SER A 4 68.80 -14.62 51.00
CA SER A 4 69.06 -14.08 49.66
C SER A 4 68.51 -15.02 48.57
N GLN A 5 68.49 -16.31 48.87
CA GLN A 5 67.94 -17.32 47.97
C GLN A 5 66.42 -17.30 47.98
N ALA A 6 65.83 -17.20 49.18
CA ALA A 6 64.37 -17.09 49.30
C ALA A 6 63.86 -15.80 48.63
N SER A 7 64.68 -14.76 48.67
CA SER A 7 64.35 -13.48 48.05
C SER A 7 64.46 -13.52 46.53
N ALA A 8 65.54 -14.11 46.01
CA ALA A 8 65.65 -14.25 44.56
C ALA A 8 64.56 -15.18 44.02
N ASP A 9 64.18 -16.15 44.84
CA ASP A 9 63.09 -17.04 44.51
C ASP A 9 61.78 -16.26 44.40
N LEU A 10 61.47 -15.48 45.44
CA LEU A 10 60.25 -14.66 45.44
C LEU A 10 60.20 -13.77 44.20
N GLU A 11 61.33 -13.14 43.88
CA GLU A 11 61.44 -12.33 42.68
C GLU A 11 61.08 -13.12 41.42
N ALA A 12 61.66 -14.29 41.26
CA ALA A 12 61.36 -15.12 40.09
C ALA A 12 59.87 -15.41 39.98
N THR A 13 59.27 -15.76 41.12
CA THR A 13 57.84 -16.07 41.18
C THR A 13 56.98 -14.90 40.71
N LEU A 14 57.26 -13.73 41.25
CA LEU A 14 56.49 -12.54 40.92
C LEU A 14 56.63 -12.13 39.44
N ARG A 15 57.84 -12.24 38.89
CA ARG A 15 58.02 -11.91 37.48
C ARG A 15 57.30 -12.91 36.54
N HIS A 16 57.29 -14.18 36.93
CA HIS A 16 56.52 -15.14 36.15
C HIS A 16 55.04 -14.77 36.18
N LYS A 17 54.55 -14.41 37.36
CA LYS A 17 53.19 -13.94 37.49
C LYS A 17 52.93 -12.78 36.53
N LEU A 18 53.78 -11.77 36.56
CA LEU A 18 53.68 -10.65 35.60
C LEU A 18 53.51 -11.08 34.14
N THR A 19 54.32 -12.01 33.68
CA THR A 19 54.19 -12.43 32.28
C THR A 19 52.83 -13.12 32.00
N VAL A 20 52.43 -13.99 32.93
CA VAL A 20 51.10 -14.61 32.81
C VAL A 20 49.94 -13.58 32.75
N MET A 21 49.94 -12.63 33.68
CA MET A 21 48.89 -11.61 33.73
C MET A 21 48.92 -10.69 32.53
N TYR A 22 50.11 -10.49 31.95
CA TYR A 22 50.20 -9.71 30.74
C TYR A 22 49.42 -10.41 29.61
N SER A 23 49.65 -11.71 29.48
CA SER A 23 48.88 -12.42 28.47
C SER A 23 47.35 -12.39 28.74
N GLN A 24 46.95 -12.56 30.01
CA GLN A 24 45.52 -12.49 30.35
C GLN A 24 44.87 -11.14 30.06
N ILE A 25 45.61 -10.06 30.29
CA ILE A 25 45.16 -8.73 29.89
C ILE A 25 44.99 -8.60 28.37
N ASN A 26 45.97 -9.07 27.61
CA ASN A 26 45.80 -9.11 26.16
C ASN A 26 44.53 -9.87 25.75
N GLY A 27 44.29 -10.99 26.43
CA GLY A 27 43.07 -11.75 26.24
C GLY A 27 41.83 -10.89 26.42
N ALA A 28 41.80 -10.11 27.51
CA ALA A 28 40.64 -9.25 27.78
C ALA A 28 40.49 -8.14 26.75
N SER A 29 41.61 -7.65 26.22
CA SER A 29 41.54 -6.64 25.16
C SER A 29 40.90 -7.21 23.91
N ARG A 30 41.43 -8.36 23.48
CA ARG A 30 40.90 -9.12 22.37
C ARG A 30 39.39 -9.35 22.53
N ALA A 31 39.00 -9.66 23.76
CA ALA A 31 37.59 -9.93 24.03
C ALA A 31 36.73 -8.67 23.91
N LEU A 32 37.21 -7.55 24.44
CA LEU A 32 36.47 -6.29 24.31
C LEU A 32 36.20 -5.94 22.84
N ASP A 33 37.26 -6.02 22.02
CA ASP A 33 37.11 -5.83 20.58
C ASP A 33 36.09 -6.79 19.97
N ASP A 34 36.23 -8.06 20.28
CA ASP A 34 35.32 -9.07 19.77
C ASP A 34 33.88 -8.68 20.12
N VAL A 35 33.66 -8.13 21.32
CA VAL A 35 32.31 -7.77 21.72
C VAL A 35 31.75 -6.64 20.86
N ARG A 36 32.45 -5.51 20.78
CA ARG A 36 31.96 -4.44 19.91
C ARG A 36 31.72 -4.91 18.46
N ASN A 37 32.65 -5.72 17.94
CA ASN A 37 32.50 -6.28 16.61
C ASN A 37 31.24 -7.12 16.45
N ARG A 38 30.99 -7.98 17.43
CA ARG A 38 29.84 -8.85 17.39
C ARG A 38 28.57 -8.02 17.41
N GLN A 39 28.59 -6.93 18.19
CA GLN A 39 27.45 -6.02 18.25
C GLN A 39 27.17 -5.38 16.91
N GLN A 40 28.22 -4.89 16.26
CA GLN A 40 28.05 -4.29 14.95
C GLN A 40 27.52 -5.31 13.91
N ASP A 41 27.99 -6.54 14.00
CA ASP A 41 27.47 -7.58 13.13
C ASP A 41 25.99 -7.86 13.39
N VAL A 42 25.59 -7.86 14.66
CA VAL A 42 24.18 -8.00 15.00
C VAL A 42 23.35 -6.89 14.34
N ARG A 43 23.75 -5.64 14.55
CA ARG A 43 23.11 -4.51 13.86
C ARG A 43 22.95 -4.72 12.36
N MET A 44 24.07 -4.99 11.68
CA MET A 44 24.05 -5.18 10.23
C MET A 44 23.07 -6.27 9.80
N THR A 45 23.06 -7.38 10.55
CA THR A 45 22.13 -8.46 10.27
C THR A 45 20.66 -7.98 10.39
N ALA A 46 20.37 -7.26 11.46
CA ALA A 46 19.04 -6.72 11.68
C ALA A 46 18.58 -5.82 10.54
N ASN A 47 19.43 -4.84 10.18
CA ASN A 47 19.07 -3.92 9.13
C ASN A 47 18.83 -4.65 7.83
N ARG A 48 19.60 -5.71 7.59
CA ARG A 48 19.46 -6.47 6.37
C ARG A 48 18.06 -7.06 6.33
N LYS A 49 17.66 -7.68 7.44
CA LYS A 49 16.32 -8.25 7.51
C LYS A 49 15.22 -7.20 7.33
N VAL A 50 15.38 -6.05 7.99
CA VAL A 50 14.41 -4.97 7.81
C VAL A 50 14.26 -4.59 6.34
N GLU A 51 15.38 -4.42 5.66
CA GLU A 51 15.39 -4.09 4.24
C GLU A 51 14.68 -5.15 3.39
N GLN A 52 14.90 -6.42 3.70
CA GLN A 52 14.12 -7.48 3.06
C GLN A 52 12.58 -7.35 3.27
N LEU A 53 12.17 -7.12 4.52
CA LEU A 53 10.74 -6.86 4.78
C LEU A 53 10.23 -5.76 3.86
N GLN A 54 10.93 -4.63 3.89
CA GLN A 54 10.53 -3.48 3.08
C GLN A 54 10.40 -3.86 1.61
N GLN A 55 11.24 -4.78 1.16
CA GLN A 55 11.14 -5.29 -0.21
C GLN A 55 9.79 -5.97 -0.43
N GLU A 56 9.47 -6.91 0.44
CA GLU A 56 8.18 -7.60 0.31
C GLU A 56 6.96 -6.65 0.33
N TYR A 57 6.94 -5.70 1.25
CA TYR A 57 5.86 -4.72 1.26
C TYR A 57 5.79 -3.86 0.01
N THR A 58 6.93 -3.50 -0.54
CA THR A 58 6.91 -2.75 -1.80
C THR A 58 6.27 -3.56 -2.93
N GLU A 59 6.54 -4.86 -2.97
CA GLU A 59 5.88 -5.72 -3.95
C GLU A 59 4.37 -5.80 -3.71
N MET A 60 3.99 -5.93 -2.43
CA MET A 60 2.57 -5.97 -2.07
C MET A 60 1.82 -4.72 -2.51
N LYS A 61 2.45 -3.56 -2.33
CA LYS A 61 1.87 -2.34 -2.84
C LYS A 61 1.77 -2.35 -4.36
N ALA A 62 2.76 -2.94 -5.04
CA ALA A 62 2.67 -2.99 -6.49
C ALA A 62 1.46 -3.84 -6.89
N LEU A 63 1.22 -4.91 -6.14
CA LEU A 63 0.08 -5.76 -6.45
C LEU A 63 -1.23 -5.01 -6.29
N LEU A 64 -1.37 -4.32 -5.15
CA LEU A 64 -2.56 -3.51 -4.89
C LEU A 64 -2.78 -2.53 -6.04
N ASP A 65 -1.73 -1.82 -6.44
CA ASP A 65 -1.85 -0.86 -7.54
C ASP A 65 -2.35 -1.48 -8.84
N ALA A 66 -1.78 -2.62 -9.22
CA ALA A 66 -2.23 -3.34 -10.41
C ALA A 66 -3.72 -3.65 -10.33
N SER A 67 -4.14 -4.21 -9.20
CA SER A 67 -5.53 -4.55 -8.99
C SER A 67 -6.44 -3.32 -9.13
N GLU A 68 -6.16 -2.29 -8.36
CA GLU A 68 -6.95 -1.07 -8.37
C GLU A 68 -7.09 -0.52 -9.78
N THR A 69 -5.99 -0.53 -10.52
CA THR A 69 -6.00 -0.07 -11.92
C THR A 69 -6.94 -0.91 -12.77
N THR A 70 -6.89 -2.23 -12.59
CA THR A 70 -7.76 -3.13 -13.34
C THR A 70 -9.24 -2.85 -13.05
N SER A 71 -9.58 -2.81 -11.77
CA SER A 71 -10.97 -2.58 -11.37
C SER A 71 -11.47 -1.22 -11.88
N THR A 72 -10.61 -0.21 -11.78
CA THR A 72 -10.95 1.12 -12.26
C THR A 72 -11.28 1.05 -13.73
N ARG A 73 -10.44 0.32 -14.48
CA ARG A 73 -10.68 0.15 -15.90
C ARG A 73 -12.02 -0.51 -16.19
N LYS A 74 -12.38 -1.54 -15.43
CA LYS A 74 -13.66 -2.21 -15.65
C LYS A 74 -14.83 -1.26 -15.43
N ILE A 75 -14.70 -0.43 -14.40
CA ILE A 75 -15.75 0.55 -14.14
C ILE A 75 -15.87 1.57 -15.28
N LYS A 76 -14.78 2.26 -15.61
CA LYS A 76 -14.81 3.22 -16.70
C LYS A 76 -15.27 2.59 -18.04
N GLU A 77 -14.97 1.31 -18.25
CA GLU A 77 -15.49 0.62 -19.44
C GLU A 77 -17.00 0.53 -19.42
N GLU A 78 -17.55 0.19 -18.25
CA GLU A 78 -19.00 0.14 -18.12
C GLU A 78 -19.64 1.52 -18.40
N GLU A 79 -19.10 2.55 -17.75
CA GLU A 79 -19.52 3.93 -18.01
C GLU A 79 -19.48 4.25 -19.51
N LYS A 80 -18.41 3.84 -20.16
CA LYS A 80 -18.19 4.11 -21.57
C LYS A 80 -19.25 3.43 -22.44
N ARG A 81 -19.55 2.19 -22.09
CA ARG A 81 -20.51 1.42 -22.86
C ARG A 81 -21.85 2.13 -22.80
N VAL A 82 -22.28 2.41 -21.57
CA VAL A 82 -23.54 3.11 -21.34
C VAL A 82 -23.68 4.49 -22.04
N ASN A 83 -22.68 5.35 -21.85
CA ASN A 83 -22.71 6.66 -22.48
C ASN A 83 -22.59 6.61 -24.00
N SER A 84 -22.04 5.51 -24.53
CA SER A 84 -22.04 5.35 -25.98
C SER A 84 -23.44 5.05 -26.44
N LYS A 85 -24.13 4.16 -25.73
CA LYS A 85 -25.54 3.89 -26.07
C LYS A 85 -26.34 5.20 -26.06
N PHE A 86 -26.19 5.98 -25.00
CA PHE A 86 -26.80 7.31 -24.98
C PHE A 86 -26.39 8.21 -26.15
N ASP A 87 -25.15 8.11 -26.60
CA ASP A 87 -24.69 8.89 -27.77
C ASP A 87 -25.51 8.52 -29.03
N THR A 88 -25.65 7.22 -29.25
CA THR A 88 -26.45 6.71 -30.35
C THR A 88 -27.86 7.27 -30.27
N ILE A 89 -28.45 7.18 -29.08
CA ILE A 89 -29.76 7.73 -28.83
C ILE A 89 -29.85 9.22 -29.14
N TYR A 90 -28.86 9.99 -28.72
CA TYR A 90 -28.83 11.42 -29.02
C TYR A 90 -28.86 11.66 -30.52
N GLN A 91 -28.09 10.88 -31.26
CA GLN A 91 -28.11 11.01 -32.72
C GLN A 91 -29.50 10.73 -33.30
N ILE A 92 -30.08 9.60 -32.89
CA ILE A 92 -31.43 9.25 -33.31
C ILE A 92 -32.46 10.36 -33.06
N LEU A 93 -32.36 11.00 -31.90
CA LEU A 93 -33.26 12.10 -31.57
C LEU A 93 -33.05 13.29 -32.47
N LEU A 94 -31.80 13.66 -32.72
CA LEU A 94 -31.51 14.73 -33.69
C LEU A 94 -32.13 14.44 -35.05
N LYS A 95 -32.02 13.20 -35.50
CA LYS A 95 -32.57 12.83 -36.79
C LYS A 95 -34.10 12.96 -36.84
N LYS A 96 -34.78 12.45 -35.81
CA LYS A 96 -36.22 12.64 -35.69
C LYS A 96 -36.63 14.10 -35.71
N LYS A 97 -36.00 14.89 -34.84
CA LYS A 97 -36.31 16.31 -34.77
C LYS A 97 -36.17 16.98 -36.14
N SER A 98 -35.03 16.78 -36.79
CA SER A 98 -34.82 17.42 -38.09
C SER A 98 -35.89 16.99 -39.11
N GLU A 99 -36.25 15.70 -39.10
CA GLU A 99 -37.27 15.19 -40.01
C GLU A 99 -38.60 15.92 -39.86
N ILE A 100 -39.06 15.97 -38.61
CA ILE A 100 -40.31 16.64 -38.28
C ILE A 100 -40.27 18.12 -38.67
N GLN A 101 -39.13 18.77 -38.42
CA GLN A 101 -38.91 20.15 -38.84
C GLN A 101 -39.06 20.35 -40.35
N THR A 102 -38.62 19.35 -41.12
CA THR A 102 -38.76 19.42 -42.57
C THR A 102 -40.24 19.37 -42.99
N LEU A 103 -40.96 18.36 -42.49
CA LEU A 103 -42.40 18.30 -42.77
C LEU A 103 -43.13 19.59 -42.35
N LYS A 104 -42.73 20.13 -41.20
CA LYS A 104 -43.24 21.40 -40.72
C LYS A 104 -43.07 22.50 -41.75
N GLU A 105 -41.87 22.62 -42.31
CA GLU A 105 -41.60 23.66 -43.29
C GLU A 105 -42.32 23.47 -44.64
N GLU A 106 -42.47 22.21 -45.07
CA GLU A 106 -43.30 21.90 -46.24
C GLU A 106 -44.75 22.40 -46.06
N ILE A 107 -45.34 22.03 -44.92
CA ILE A 107 -46.69 22.47 -44.61
C ILE A 107 -46.79 23.99 -44.60
N GLU A 108 -45.88 24.65 -43.88
CA GLU A 108 -45.90 26.11 -43.79
C GLU A 108 -45.84 26.73 -45.19
N GLN A 109 -45.04 26.13 -46.06
CA GLN A 109 -44.92 26.52 -47.46
C GLN A 109 -46.27 26.56 -48.20
N SER A 110 -46.92 25.39 -48.25
CA SER A 110 -48.23 25.30 -48.90
C SER A 110 -49.27 26.29 -48.29
N LEU A 111 -49.20 26.48 -46.98
CA LEU A 111 -50.04 27.48 -46.31
C LEU A 111 -49.75 28.92 -46.74
N THR A 112 -48.50 29.24 -47.11
CA THR A 112 -48.21 30.62 -47.55
C THR A 112 -48.70 30.86 -48.96
N LYS A 113 -48.52 29.89 -49.85
CA LYS A 113 -49.14 30.03 -51.18
C LYS A 113 -50.46 29.23 -51.31
N ARG A 114 -51.30 29.38 -50.27
CA ARG A 114 -52.65 28.80 -50.16
C ARG A 114 -53.81 29.54 -50.85
N ASP A 115 -53.67 30.82 -51.17
CA ASP A 115 -54.81 31.57 -51.75
C ASP A 115 -54.86 31.43 -53.28
N GLU A 116 -53.79 30.87 -53.85
CA GLU A 116 -53.82 30.35 -55.22
C GLU A 116 -55.01 29.39 -55.31
N PHE A 117 -55.63 29.30 -56.47
CA PHE A 117 -56.79 28.43 -56.60
C PHE A 117 -56.41 26.98 -56.30
N GLU A 118 -55.27 26.56 -56.88
CA GLU A 118 -54.83 25.17 -56.86
C GLU A 118 -54.29 24.70 -55.50
N PHE A 119 -54.63 25.43 -54.44
CA PHE A 119 -54.18 25.09 -53.08
C PHE A 119 -54.73 23.74 -52.62
N LEU A 120 -56.00 23.47 -52.93
CA LEU A 120 -56.60 22.23 -52.47
C LEU A 120 -55.96 21.04 -53.19
N GLU A 121 -55.79 21.20 -54.50
CA GLU A 121 -55.15 20.18 -55.32
C GLU A 121 -53.79 19.80 -54.73
N LYS A 122 -52.96 20.81 -54.50
CA LYS A 122 -51.58 20.62 -54.04
C LYS A 122 -51.41 20.09 -52.59
N ALA A 123 -52.25 20.54 -51.65
CA ALA A 123 -52.03 20.30 -50.20
C ALA A 123 -52.77 19.12 -49.52
N SER A 124 -53.71 18.50 -50.24
CA SER A 124 -54.42 17.35 -49.66
C SER A 124 -53.47 16.18 -49.35
N LYS A 125 -52.44 16.02 -50.19
CA LYS A 125 -51.40 15.04 -49.91
C LYS A 125 -50.73 15.32 -48.57
N LEU A 126 -50.54 16.62 -48.26
CA LEU A 126 -50.02 17.04 -46.96
C LEU A 126 -50.98 16.67 -45.82
N ARG A 127 -52.28 16.65 -46.11
CA ARG A 127 -53.23 16.08 -45.13
C ARG A 127 -52.74 14.74 -44.57
N GLY A 128 -52.04 13.96 -45.38
CA GLY A 128 -51.64 12.62 -45.00
C GLY A 128 -50.63 12.49 -43.88
N ILE A 129 -49.42 13.00 -44.11
CA ILE A 129 -48.29 12.87 -43.19
C ILE A 129 -48.61 13.04 -41.69
N SER A 130 -48.28 12.02 -40.90
CA SER A 130 -48.45 12.12 -39.44
C SER A 130 -47.17 11.84 -38.68
N THR A 131 -46.80 12.80 -37.85
CA THR A 131 -45.56 12.75 -37.12
C THR A 131 -45.78 12.29 -35.67
N LYS A 132 -44.76 11.61 -35.12
CA LYS A 132 -44.80 11.10 -33.75
C LYS A 132 -43.93 11.92 -32.81
N PRO A 133 -44.25 11.88 -31.50
CA PRO A 133 -43.38 12.46 -30.47
C PRO A 133 -42.19 11.54 -30.15
N VAL A 134 -41.06 12.11 -29.75
CA VAL A 134 -39.91 11.28 -29.41
C VAL A 134 -40.06 10.67 -28.02
N TYR A 135 -39.19 9.73 -27.72
CA TYR A 135 -39.11 9.10 -26.40
C TYR A 135 -37.64 8.80 -26.18
N ILE A 136 -37.30 8.35 -24.98
CA ILE A 136 -35.91 7.97 -24.69
C ILE A 136 -35.89 6.56 -24.14
N PRO A 137 -35.26 5.62 -24.86
CA PRO A 137 -35.18 4.25 -24.36
C PRO A 137 -34.52 4.24 -22.99
N GLU A 138 -34.90 3.30 -22.11
CA GLU A 138 -34.13 3.17 -20.88
C GLU A 138 -32.75 2.59 -21.18
N VAL A 139 -31.73 3.19 -20.60
CA VAL A 139 -30.40 2.62 -20.69
C VAL A 139 -29.86 2.42 -19.30
N GLU A 140 -29.64 1.17 -18.93
CA GLU A 140 -29.23 0.91 -17.56
C GLU A 140 -27.82 0.38 -17.39
N LEU A 141 -27.03 1.22 -16.73
CA LEU A 141 -25.76 0.90 -16.12
C LEU A 141 -25.84 -0.44 -15.38
N ASN A 142 -24.83 -1.29 -15.56
CA ASN A 142 -24.80 -2.59 -14.91
C ASN A 142 -24.53 -2.51 -13.39
N HIS A 143 -25.60 -2.29 -12.63
CA HIS A 143 -25.45 -2.05 -11.22
C HIS A 143 -24.86 -3.24 -10.50
N LYS A 144 -25.25 -4.44 -10.93
CA LYS A 144 -24.68 -5.63 -10.30
C LYS A 144 -23.16 -5.75 -10.52
N LEU A 145 -22.68 -5.47 -11.72
CA LEU A 145 -21.23 -5.46 -11.96
C LEU A 145 -20.51 -4.47 -11.04
N ILE A 146 -21.03 -3.24 -11.01
CA ILE A 146 -20.40 -2.17 -10.25
C ILE A 146 -20.40 -2.38 -8.72
N LYS A 147 -21.55 -2.76 -8.20
CA LYS A 147 -21.70 -3.00 -6.78
C LYS A 147 -20.90 -4.24 -6.40
N GLY A 148 -20.80 -5.19 -7.33
CA GLY A 148 -20.03 -6.40 -7.10
C GLY A 148 -18.56 -6.06 -6.94
N ILE A 149 -18.06 -5.19 -7.80
CA ILE A 149 -16.68 -4.76 -7.70
C ILE A 149 -16.41 -4.05 -6.38
N HIS A 150 -17.27 -3.08 -6.04
CA HIS A 150 -17.09 -2.32 -4.80
C HIS A 150 -17.04 -3.24 -3.59
N GLN A 151 -18.02 -4.13 -3.54
CA GLN A 151 -18.21 -5.00 -2.40
C GLN A 151 -17.04 -5.97 -2.28
N SER A 152 -16.64 -6.55 -3.39
CA SER A 152 -15.54 -7.50 -3.42
C SER A 152 -14.24 -6.83 -3.02
N THR A 153 -14.09 -5.55 -3.38
CA THR A 153 -12.91 -4.82 -2.94
C THR A 153 -12.93 -4.63 -1.42
N ILE A 154 -14.10 -4.37 -0.86
CA ILE A 154 -14.23 -4.32 0.58
C ILE A 154 -13.85 -5.66 1.22
N ASP A 155 -14.35 -6.75 0.62
CA ASP A 155 -14.03 -8.11 1.04
C ASP A 155 -12.53 -8.30 1.07
N LEU A 156 -11.87 -7.91 -0.02
CA LEU A 156 -10.42 -8.02 -0.14
C LEU A 156 -9.75 -7.31 1.01
N LYS A 157 -10.21 -6.09 1.29
CA LYS A 157 -9.63 -5.37 2.41
C LYS A 157 -9.74 -6.15 3.71
N ASN A 158 -10.92 -6.67 4.01
CA ASN A 158 -11.10 -7.38 5.27
C ASN A 158 -10.34 -8.71 5.37
N GLU A 159 -10.19 -9.39 4.25
CA GLU A 159 -9.32 -10.56 4.17
C GLU A 159 -7.89 -10.17 4.53
N LEU A 160 -7.42 -9.08 3.92
CA LEU A 160 -6.07 -8.58 4.17
C LEU A 160 -5.87 -8.27 5.64
N LYS A 161 -6.85 -7.58 6.22
CA LYS A 161 -6.86 -7.25 7.64
C LYS A 161 -6.74 -8.52 8.49
N GLN A 162 -7.54 -9.53 8.16
CA GLN A 162 -7.48 -10.83 8.82
C GLN A 162 -6.09 -11.46 8.75
N CYS A 163 -5.54 -11.53 7.54
CA CYS A 163 -4.20 -12.07 7.31
C CYS A 163 -3.12 -11.38 8.15
N ILE A 164 -3.11 -10.05 8.12
CA ILE A 164 -2.14 -9.29 8.89
C ILE A 164 -2.27 -9.63 10.37
N GLY A 165 -3.51 -9.63 10.85
CA GLY A 165 -3.79 -10.01 12.23
C GLY A 165 -3.19 -11.34 12.60
N ARG A 166 -3.34 -12.33 11.71
CA ARG A 166 -2.83 -13.65 11.98
C ARG A 166 -1.28 -13.72 11.98
N LEU A 167 -0.63 -13.04 11.03
CA LEU A 167 0.83 -12.90 11.02
C LEU A 167 1.37 -12.35 12.37
N GLN A 168 0.90 -11.15 12.71
CA GLN A 168 1.35 -10.53 13.96
C GLN A 168 1.00 -11.41 15.15
N GLU A 169 -0.04 -12.21 15.01
CA GLU A 169 -0.42 -13.15 16.05
C GLU A 169 0.65 -14.21 16.23
N LEU A 170 1.20 -14.70 15.11
CA LEU A 170 2.31 -15.67 15.17
C LEU A 170 3.39 -15.10 16.06
N THR A 171 3.56 -13.77 16.00
CA THR A 171 4.66 -13.21 16.84
C THR A 171 4.39 -12.40 18.14
N PRO A 172 3.54 -12.90 19.07
CA PRO A 172 2.92 -12.12 20.17
C PRO A 172 3.80 -11.10 20.91
N SER B 2 -69.08 23.76 -50.40
CA SER B 2 -68.35 24.25 -51.56
C SER B 2 -66.84 23.96 -51.45
N LEU B 3 -66.11 24.27 -52.53
CA LEU B 3 -64.65 24.12 -52.55
C LEU B 3 -63.96 25.15 -51.64
N SER B 4 -64.64 26.28 -51.41
CA SER B 4 -64.19 27.25 -50.40
C SER B 4 -64.26 26.65 -48.98
N GLN B 5 -65.25 25.78 -48.77
CA GLN B 5 -65.38 25.07 -47.50
C GLN B 5 -64.34 23.98 -47.34
N ALA B 6 -64.11 23.20 -48.41
CA ALA B 6 -63.06 22.18 -48.38
C ALA B 6 -61.66 22.79 -48.18
N SER B 7 -61.49 24.00 -48.70
CA SER B 7 -60.23 24.71 -48.57
C SER B 7 -60.03 25.30 -47.17
N ALA B 8 -61.08 25.91 -46.61
CA ALA B 8 -60.95 26.42 -45.23
C ALA B 8 -60.77 25.26 -44.24
N ASP B 9 -61.36 24.12 -44.59
CA ASP B 9 -61.18 22.88 -43.83
C ASP B 9 -59.72 22.42 -43.86
N LEU B 10 -59.17 22.31 -45.07
CA LEU B 10 -57.77 21.96 -45.24
C LEU B 10 -56.86 22.88 -44.45
N GLU B 11 -57.11 24.18 -44.54
CA GLU B 11 -56.38 25.16 -43.74
C GLU B 11 -56.43 24.87 -42.23
N ALA B 12 -57.62 24.64 -41.69
CA ALA B 12 -57.76 24.32 -40.26
C ALA B 12 -56.92 23.10 -39.88
N THR B 13 -56.98 22.07 -40.73
CA THR B 13 -56.26 20.83 -40.51
C THR B 13 -54.73 21.06 -40.47
N LEU B 14 -54.20 21.65 -41.54
CA LEU B 14 -52.77 21.93 -41.67
C LEU B 14 -52.25 22.81 -40.54
N ARG B 15 -53.01 23.81 -40.12
CA ARG B 15 -52.58 24.62 -38.99
C ARG B 15 -52.56 23.84 -37.67
N HIS B 16 -53.54 22.96 -37.50
CA HIS B 16 -53.51 22.10 -36.32
C HIS B 16 -52.24 21.23 -36.34
N LYS B 17 -51.92 20.68 -37.51
CA LYS B 17 -50.70 19.90 -37.69
C LYS B 17 -49.49 20.71 -37.29
N LEU B 18 -49.36 21.93 -37.82
CA LEU B 18 -48.32 22.86 -37.38
C LEU B 18 -48.15 22.97 -35.86
N THR B 19 -49.25 23.17 -35.13
CA THR B 19 -49.10 23.31 -33.68
C THR B 19 -48.64 22.01 -33.02
N VAL B 20 -49.18 20.88 -33.48
CA VAL B 20 -48.73 19.60 -32.98
C VAL B 20 -47.22 19.38 -33.22
N MET B 21 -46.78 19.64 -34.45
CA MET B 21 -45.39 19.44 -34.81
C MET B 21 -44.48 20.39 -34.04
N TYR B 22 -44.98 21.58 -33.75
CA TYR B 22 -44.23 22.52 -32.94
C TYR B 22 -44.03 21.92 -31.53
N SER B 23 -45.09 21.38 -30.97
CA SER B 23 -44.95 20.75 -29.67
C SER B 23 -43.99 19.54 -29.73
N GLN B 24 -44.10 18.72 -30.77
CA GLN B 24 -43.25 17.54 -30.89
C GLN B 24 -41.76 17.92 -31.03
N ILE B 25 -41.48 18.99 -31.78
CA ILE B 25 -40.13 19.53 -31.84
C ILE B 25 -39.61 20.00 -30.46
N ASN B 26 -40.41 20.77 -29.75
CA ASN B 26 -40.05 21.10 -28.37
C ASN B 26 -39.74 19.85 -27.54
N GLY B 27 -40.54 18.82 -27.75
CA GLY B 27 -40.34 17.52 -27.13
C GLY B 27 -38.94 17.01 -27.43
N ALA B 28 -38.53 17.06 -28.69
CA ALA B 28 -37.23 16.53 -29.07
C ALA B 28 -36.07 17.33 -28.45
N SER B 29 -36.24 18.64 -28.31
CA SER B 29 -35.21 19.42 -27.63
C SER B 29 -35.09 19.02 -26.16
N ARG B 30 -36.23 18.99 -25.47
CA ARG B 30 -36.21 18.60 -24.08
C ARG B 30 -35.65 17.18 -23.90
N ALA B 31 -35.90 16.32 -24.87
CA ALA B 31 -35.37 14.96 -24.81
C ALA B 31 -33.83 14.94 -24.96
N LEU B 32 -33.29 15.73 -25.89
CA LEU B 32 -31.84 15.85 -26.02
C LEU B 32 -31.17 16.28 -24.72
N ASP B 33 -31.74 17.32 -24.10
CA ASP B 33 -31.24 17.76 -22.79
C ASP B 33 -31.31 16.66 -21.76
N ASP B 34 -32.46 16.00 -21.69
CA ASP B 34 -32.62 14.90 -20.75
C ASP B 34 -31.54 13.82 -20.96
N VAL B 35 -31.30 13.42 -22.20
CA VAL B 35 -30.22 12.47 -22.51
C VAL B 35 -28.87 12.93 -21.97
N ARG B 36 -28.50 14.18 -22.26
CA ARG B 36 -27.27 14.75 -21.68
C ARG B 36 -27.26 14.64 -20.14
N ASN B 37 -28.41 14.89 -19.51
CA ASN B 37 -28.50 14.77 -18.05
C ASN B 37 -28.23 13.37 -17.57
N ARG B 38 -28.80 12.39 -18.25
CA ARG B 38 -28.61 11.01 -17.87
C ARG B 38 -27.15 10.59 -18.04
N GLN B 39 -26.50 11.11 -19.08
CA GLN B 39 -25.08 10.84 -19.28
C GLN B 39 -24.22 11.41 -18.17
N GLN B 40 -24.52 12.64 -17.78
CA GLN B 40 -23.81 13.26 -16.67
C GLN B 40 -23.99 12.45 -15.39
N ASP B 41 -25.21 11.98 -15.16
CA ASP B 41 -25.47 11.16 -13.98
C ASP B 41 -24.69 9.84 -14.02
N VAL B 42 -24.63 9.22 -15.20
CA VAL B 42 -23.82 8.02 -15.37
C VAL B 42 -22.35 8.29 -15.01
N ARG B 43 -21.79 9.35 -15.59
CA ARG B 43 -20.42 9.73 -15.27
C ARG B 43 -20.21 9.94 -13.76
N MET B 44 -21.05 10.73 -13.12
CA MET B 44 -20.95 10.98 -11.68
C MET B 44 -21.01 9.68 -10.86
N THR B 45 -21.94 8.78 -11.19
CA THR B 45 -22.00 7.47 -10.56
C THR B 45 -20.68 6.69 -10.71
N ALA B 46 -20.16 6.68 -11.94
CA ALA B 46 -18.91 5.99 -12.22
C ALA B 46 -17.75 6.56 -11.41
N ASN B 47 -17.55 7.87 -11.47
CA ASN B 47 -16.48 8.53 -10.76
C ASN B 47 -16.61 8.29 -9.30
N ARG B 48 -17.85 8.29 -8.82
CA ARG B 48 -18.10 8.04 -7.40
C ARG B 48 -17.56 6.68 -7.02
N LYS B 49 -17.96 5.67 -7.79
CA LYS B 49 -17.49 4.32 -7.54
C LYS B 49 -15.97 4.21 -7.60
N VAL B 50 -15.34 4.83 -8.59
CA VAL B 50 -13.90 4.82 -8.68
C VAL B 50 -13.26 5.38 -7.39
N GLU B 51 -13.79 6.50 -6.93
CA GLU B 51 -13.34 7.13 -5.69
C GLU B 51 -13.47 6.20 -4.49
N GLN B 52 -14.58 5.46 -4.43
CA GLN B 52 -14.72 4.46 -3.37
C GLN B 52 -13.64 3.36 -3.43
N LEU B 53 -13.40 2.84 -4.63
CA LEU B 53 -12.31 1.87 -4.82
C LEU B 53 -11.03 2.42 -4.26
N GLN B 54 -10.65 3.61 -4.73
CA GLN B 54 -9.44 4.26 -4.27
C GLN B 54 -9.40 4.39 -2.75
N GLN B 55 -10.57 4.56 -2.14
CA GLN B 55 -10.64 4.57 -0.67
C GLN B 55 -10.19 3.23 -0.08
N GLU B 56 -10.79 2.15 -0.55
CA GLU B 56 -10.41 0.83 -0.04
C GLU B 56 -8.92 0.53 -0.24
N TYR B 57 -8.37 0.89 -1.41
CA TYR B 57 -6.96 0.63 -1.62
C TYR B 57 -6.08 1.48 -0.74
N THR B 58 -6.48 2.73 -0.53
CA THR B 58 -5.74 3.59 0.40
C THR B 58 -5.71 3.01 1.84
N GLU B 59 -6.85 2.49 2.29
CA GLU B 59 -6.90 1.81 3.58
C GLU B 59 -6.03 0.55 3.62
N MET B 60 -6.07 -0.24 2.56
CA MET B 60 -5.24 -1.43 2.47
C MET B 60 -3.74 -1.10 2.57
N LYS B 61 -3.32 -0.03 1.90
CA LYS B 61 -1.94 0.41 2.05
C LYS B 61 -1.64 0.87 3.47
N ALA B 62 -2.64 1.49 4.13
CA ALA B 62 -2.40 1.89 5.51
C ALA B 62 -2.19 0.65 6.38
N LEU B 63 -2.96 -0.39 6.11
CA LEU B 63 -2.78 -1.65 6.84
C LEU B 63 -1.38 -2.24 6.64
N LEU B 64 -0.95 -2.34 5.38
CA LEU B 64 0.39 -2.85 5.09
C LEU B 64 1.42 -2.05 5.87
N ASP B 65 1.32 -0.72 5.84
CA ASP B 65 2.27 0.12 6.59
C ASP B 65 2.31 -0.17 8.09
N ALA B 66 1.13 -0.25 8.71
CA ALA B 66 1.04 -0.63 10.12
C ALA B 66 1.77 -1.95 10.40
N SER B 67 1.47 -2.96 9.60
CA SER B 67 2.12 -4.27 9.75
C SER B 67 3.63 -4.17 9.65
N GLU B 68 4.13 -3.65 8.53
CA GLU B 68 5.55 -3.52 8.32
C GLU B 68 6.23 -2.80 9.48
N THR B 69 5.61 -1.74 9.97
CA THR B 69 6.15 -1.03 11.13
C THR B 69 6.23 -1.92 12.38
N THR B 70 5.18 -2.70 12.60
CA THR B 70 5.15 -3.63 13.73
C THR B 70 6.28 -4.66 13.64
N SER B 71 6.37 -5.34 12.51
CA SER B 71 7.42 -6.34 12.29
C SER B 71 8.82 -5.76 12.42
N THR B 72 9.01 -4.59 11.82
CA THR B 72 10.29 -3.89 11.95
C THR B 72 10.63 -3.70 13.41
N ARG B 73 9.65 -3.20 14.16
CA ARG B 73 9.84 -3.01 15.60
C ARG B 73 10.24 -4.30 16.31
N LYS B 74 9.63 -5.42 15.94
CA LYS B 74 9.98 -6.67 16.60
C LYS B 74 11.42 -7.08 16.33
N ILE B 75 11.85 -6.95 15.08
CA ILE B 75 13.24 -7.22 14.74
C ILE B 75 14.20 -6.32 15.53
N LYS B 76 13.97 -5.01 15.46
CA LYS B 76 14.78 -4.08 16.24
C LYS B 76 14.77 -4.38 17.74
N GLU B 77 13.66 -4.90 18.26
CA GLU B 77 13.61 -5.30 19.68
C GLU B 77 14.58 -6.45 19.93
N GLU B 78 14.62 -7.39 19.00
CA GLU B 78 15.52 -8.51 19.20
C GLU B 78 16.99 -8.04 19.18
N GLU B 79 17.32 -7.24 18.16
CA GLU B 79 18.62 -6.58 18.09
C GLU B 79 18.96 -5.88 19.41
N LYS B 80 18.00 -5.14 19.95
CA LYS B 80 18.27 -4.36 21.15
C LYS B 80 18.49 -5.25 22.37
N ARG B 81 17.75 -6.34 22.45
CA ARG B 81 17.90 -7.29 23.55
C ARG B 81 19.34 -7.80 23.55
N VAL B 82 19.74 -8.34 22.40
CA VAL B 82 21.08 -8.88 22.23
C VAL B 82 22.21 -7.88 22.51
N ASN B 83 22.15 -6.69 21.89
CA ASN B 83 23.16 -5.67 22.12
C ASN B 83 23.18 -5.12 23.55
N SER B 84 22.08 -5.27 24.27
CA SER B 84 22.09 -4.91 25.67
C SER B 84 22.88 -5.93 26.45
N LYS B 85 22.62 -7.21 26.17
CA LYS B 85 23.40 -8.25 26.83
C LYS B 85 24.89 -8.02 26.58
N PHE B 86 25.26 -7.76 25.32
CA PHE B 86 26.66 -7.48 25.00
C PHE B 86 27.21 -6.24 25.71
N ASP B 87 26.42 -5.19 25.86
CA ASP B 87 26.85 -4.02 26.65
C ASP B 87 27.19 -4.38 28.10
N THR B 88 26.31 -5.15 28.72
CA THR B 88 26.54 -5.66 30.07
C THR B 88 27.83 -6.46 30.16
N ILE B 89 28.00 -7.35 29.19
CA ILE B 89 29.22 -8.14 29.09
C ILE B 89 30.48 -7.26 28.94
N TYR B 90 30.40 -6.23 28.11
CA TYR B 90 31.52 -5.32 27.94
C TYR B 90 31.89 -4.68 29.27
N GLN B 91 30.89 -4.29 30.04
CA GLN B 91 31.17 -3.69 31.35
C GLN B 91 31.89 -4.69 32.28
N ILE B 92 31.33 -5.89 32.39
CA ILE B 92 31.93 -6.96 33.17
C ILE B 92 33.39 -7.23 32.79
N LEU B 93 33.65 -7.29 31.48
CA LEU B 93 34.99 -7.52 30.96
C LEU B 93 35.93 -6.40 31.30
N LEU B 94 35.53 -5.15 31.09
CA LEU B 94 36.36 -4.02 31.54
C LEU B 94 36.75 -4.15 33.03
N LYS B 95 35.77 -4.52 33.87
CA LYS B 95 36.02 -4.63 35.29
C LYS B 95 37.07 -5.71 35.58
N LYS B 96 36.93 -6.87 34.95
CA LYS B 96 37.92 -7.94 35.15
C LYS B 96 39.33 -7.53 34.68
N LYS B 97 39.39 -6.94 33.50
CA LYS B 97 40.66 -6.46 32.97
C LYS B 97 41.33 -5.51 33.94
N SER B 98 40.62 -4.48 34.35
CA SER B 98 41.21 -3.49 35.24
C SER B 98 41.67 -4.13 36.56
N GLU B 99 40.91 -5.10 37.05
CA GLU B 99 41.26 -5.81 38.29
C GLU B 99 42.63 -6.51 38.16
N ILE B 100 42.78 -7.29 37.08
CA ILE B 100 44.05 -7.97 36.78
C ILE B 100 45.18 -6.95 36.60
N GLN B 101 44.91 -5.90 35.84
CA GLN B 101 45.86 -4.80 35.67
C GLN B 101 46.30 -4.15 37.00
N THR B 102 45.37 -4.07 37.94
CA THR B 102 45.67 -3.50 39.25
C THR B 102 46.62 -4.39 40.02
N LEU B 103 46.30 -5.68 40.12
CA LEU B 103 47.23 -6.64 40.73
C LEU B 103 48.63 -6.62 40.08
N LYS B 104 48.64 -6.55 38.75
CA LYS B 104 49.87 -6.42 37.98
C LYS B 104 50.70 -5.23 38.45
N GLU B 105 50.07 -4.06 38.57
CA GLU B 105 50.82 -2.88 39.03
C GLU B 105 51.29 -2.95 40.50
N GLU B 106 50.49 -3.58 41.37
CA GLU B 106 50.93 -3.82 42.74
C GLU B 106 52.23 -4.66 42.75
N ILE B 107 52.20 -5.77 42.03
CA ILE B 107 53.38 -6.62 41.92
C ILE B 107 54.59 -5.85 41.39
N GLU B 108 54.40 -5.14 40.28
CA GLU B 108 55.49 -4.36 39.67
C GLU B 108 56.07 -3.38 40.66
N GLN B 109 55.20 -2.80 41.48
CA GLN B 109 55.60 -1.87 42.55
C GLN B 109 56.59 -2.50 43.56
N SER B 110 56.14 -3.59 44.18
CA SER B 110 57.00 -4.29 45.10
C SER B 110 58.32 -4.71 44.43
N LEU B 111 58.25 -4.97 43.12
CA LEU B 111 59.48 -5.27 42.38
C LEU B 111 60.39 -4.06 42.16
N THR B 112 59.85 -2.84 42.22
CA THR B 112 60.74 -1.68 42.15
C THR B 112 61.47 -1.56 43.47
N LYS B 113 60.90 -2.12 44.52
CA LYS B 113 61.70 -2.17 45.76
C LYS B 113 62.42 -3.50 46.09
N ARG B 114 62.88 -4.25 45.09
CA ARG B 114 63.41 -5.61 45.34
C ARG B 114 64.83 -5.68 45.91
N ASP B 115 65.54 -4.56 45.91
CA ASP B 115 66.90 -4.56 46.44
C ASP B 115 66.94 -4.06 47.87
N GLU B 116 65.77 -3.73 48.40
CA GLU B 116 65.63 -3.40 49.81
C GLU B 116 65.68 -4.70 50.61
N PHE B 117 66.31 -4.65 51.77
CA PHE B 117 66.40 -5.80 52.67
C PHE B 117 65.03 -6.39 53.06
N GLU B 118 64.05 -5.52 53.31
CA GLU B 118 62.72 -5.97 53.72
C GLU B 118 61.81 -6.45 52.59
N PHE B 119 62.38 -6.70 51.42
CA PHE B 119 61.61 -7.13 50.26
C PHE B 119 60.88 -8.45 50.49
N LEU B 120 61.53 -9.41 51.13
CA LEU B 120 60.92 -10.72 51.28
C LEU B 120 59.75 -10.62 52.22
N GLU B 121 59.96 -9.89 53.31
CA GLU B 121 58.91 -9.64 54.29
C GLU B 121 57.67 -9.07 53.61
N LYS B 122 57.84 -7.99 52.87
CA LYS B 122 56.75 -7.30 52.21
C LYS B 122 56.03 -8.04 51.05
N ALA B 123 56.75 -8.81 50.23
CA ALA B 123 56.19 -9.36 48.99
C ALA B 123 55.67 -10.83 48.96
N SER B 124 55.91 -11.58 50.03
CA SER B 124 55.43 -12.97 50.08
C SER B 124 53.88 -13.04 50.03
N LYS B 125 53.25 -12.05 50.66
CA LYS B 125 51.82 -11.91 50.55
C LYS B 125 51.40 -11.80 49.08
N LEU B 126 52.18 -11.08 48.29
CA LEU B 126 51.95 -11.00 46.85
C LEU B 126 52.11 -12.36 46.19
N ARG B 127 52.99 -13.20 46.74
CA ARG B 127 53.11 -14.58 46.23
C ARG B 127 51.72 -15.21 46.21
N GLY B 128 50.91 -14.83 47.19
CA GLY B 128 49.49 -15.20 47.09
C GLY B 128 48.71 -15.04 45.77
N ILE B 129 48.88 -13.91 45.08
CA ILE B 129 48.04 -13.48 43.93
C ILE B 129 47.75 -14.52 42.81
N SER B 130 46.49 -14.67 42.46
CA SER B 130 46.12 -15.60 41.40
C SER B 130 44.94 -15.01 40.60
N THR B 131 45.06 -15.06 39.28
CA THR B 131 44.12 -14.44 38.37
C THR B 131 43.79 -15.39 37.21
N LYS B 132 42.58 -15.27 36.67
CA LYS B 132 42.11 -16.18 35.62
C LYS B 132 41.93 -15.48 34.27
N PRO B 133 41.90 -16.27 33.18
CA PRO B 133 41.65 -15.65 31.86
C PRO B 133 40.17 -15.29 31.72
N VAL B 134 39.85 -14.30 30.89
CA VAL B 134 38.44 -13.90 30.69
C VAL B 134 37.83 -14.43 29.39
N TYR B 135 36.54 -14.70 29.42
CA TYR B 135 35.83 -15.13 28.23
C TYR B 135 34.48 -14.42 28.02
N ILE B 136 33.99 -14.45 26.78
CA ILE B 136 32.63 -13.98 26.52
C ILE B 136 31.73 -15.19 26.62
N PRO B 137 30.61 -15.06 27.35
CA PRO B 137 29.57 -16.09 27.40
C PRO B 137 28.78 -16.23 26.08
N GLU B 138 27.91 -17.24 26.02
CA GLU B 138 27.04 -17.45 24.87
C GLU B 138 25.89 -16.43 24.82
N VAL B 139 25.77 -15.75 23.69
CA VAL B 139 24.71 -14.77 23.47
C VAL B 139 24.34 -14.79 21.99
N GLU B 140 23.17 -15.30 21.64
CA GLU B 140 22.83 -15.35 20.22
C GLU B 140 21.49 -14.69 19.83
N LEU B 141 21.50 -14.09 18.65
CA LEU B 141 20.33 -13.55 17.98
C LEU B 141 19.33 -14.67 17.69
N ASN B 142 18.04 -14.43 17.98
CA ASN B 142 17.01 -15.43 17.72
C ASN B 142 16.70 -15.62 16.23
N HIS B 143 17.48 -16.46 15.59
CA HIS B 143 17.40 -16.61 14.15
C HIS B 143 16.06 -17.21 13.73
N LYS B 144 15.51 -18.08 14.55
CA LYS B 144 14.21 -18.64 14.25
C LYS B 144 13.10 -17.58 14.24
N LEU B 145 13.11 -16.68 15.22
CA LEU B 145 12.14 -15.59 15.28
C LEU B 145 12.25 -14.70 14.05
N ILE B 146 13.48 -14.29 13.74
CA ILE B 146 13.71 -13.38 12.61
C ILE B 146 13.38 -13.96 11.22
N LYS B 147 13.83 -15.18 10.99
CA LYS B 147 13.59 -15.87 9.74
C LYS B 147 12.09 -16.19 9.64
N GLY B 148 11.46 -16.46 10.77
CA GLY B 148 10.05 -16.72 10.82
C GLY B 148 9.23 -15.50 10.39
N ILE B 149 9.57 -14.33 10.95
CA ILE B 149 8.96 -13.07 10.50
C ILE B 149 9.13 -12.87 8.98
N HIS B 150 10.35 -13.05 8.49
CA HIS B 150 10.61 -12.89 7.04
C HIS B 150 9.71 -13.80 6.22
N GLN B 151 9.68 -15.07 6.61
CA GLN B 151 8.97 -16.10 5.87
C GLN B 151 7.48 -15.82 5.90
N SER B 152 6.97 -15.45 7.07
CA SER B 152 5.55 -15.18 7.24
C SER B 152 5.15 -13.97 6.41
N THR B 153 6.06 -13.01 6.27
CA THR B 153 5.77 -11.85 5.47
C THR B 153 5.68 -12.25 3.99
N ILE B 154 6.55 -13.17 3.58
CA ILE B 154 6.46 -13.71 2.22
C ILE B 154 5.11 -14.44 2.01
N ASP B 155 4.74 -15.26 3.00
CA ASP B 155 3.44 -15.92 3.04
C ASP B 155 2.30 -14.91 2.83
N LEU B 156 2.33 -13.83 3.60
CA LEU B 156 1.33 -12.79 3.52
C LEU B 156 1.25 -12.26 2.11
N LYS B 157 2.40 -12.00 1.52
CA LYS B 157 2.41 -11.52 0.13
C LYS B 157 1.72 -12.48 -0.81
N ASN B 158 2.04 -13.76 -0.71
CA ASN B 158 1.42 -14.72 -1.62
C ASN B 158 -0.07 -14.96 -1.41
N GLU B 159 -0.51 -14.86 -0.16
CA GLU B 159 -1.92 -14.88 0.15
C GLU B 159 -2.65 -13.72 -0.51
N LEU B 160 -2.12 -12.51 -0.30
CA LEU B 160 -2.71 -11.32 -0.88
C LEU B 160 -2.81 -11.45 -2.41
N LYS B 161 -1.72 -11.93 -3.02
CA LYS B 161 -1.67 -12.18 -4.46
C LYS B 161 -2.80 -13.12 -4.87
N GLN B 162 -2.97 -14.22 -4.14
CA GLN B 162 -4.07 -15.15 -4.37
C GLN B 162 -5.45 -14.46 -4.33
N CYS B 163 -5.70 -13.72 -3.24
CA CYS B 163 -6.95 -12.97 -3.07
C CYS B 163 -7.25 -12.02 -4.22
N ILE B 164 -6.26 -11.21 -4.60
CA ILE B 164 -6.44 -10.28 -5.69
C ILE B 164 -6.82 -11.04 -6.96
N GLY B 165 -6.08 -12.12 -7.23
CA GLY B 165 -6.39 -12.97 -8.36
C GLY B 165 -7.84 -13.38 -8.39
N ARG B 166 -8.34 -13.82 -7.25
CA ARG B 166 -9.72 -14.28 -7.12
C ARG B 166 -10.73 -13.18 -7.35
N LEU B 167 -10.49 -12.02 -6.77
CA LEU B 167 -11.33 -10.84 -7.00
C LEU B 167 -11.47 -10.53 -8.51
N GLN B 168 -10.32 -10.31 -9.15
CA GLN B 168 -10.33 -10.03 -10.58
C GLN B 168 -10.94 -11.16 -11.43
N GLU B 169 -10.84 -12.40 -10.97
CA GLU B 169 -11.50 -13.50 -11.68
C GLU B 169 -13.01 -13.57 -11.37
N LEU B 170 -13.40 -12.92 -10.29
CA LEU B 170 -14.81 -12.85 -9.92
C LEU B 170 -15.51 -11.81 -10.79
N THR B 171 -14.74 -10.83 -11.27
CA THR B 171 -15.30 -9.85 -12.21
C THR B 171 -14.78 -10.03 -13.63
N PRO B 172 -15.25 -11.05 -14.36
CA PRO B 172 -14.55 -11.36 -15.62
C PRO B 172 -15.16 -10.66 -16.84
#